data_1IMB
#
_entry.id   1IMB
#
_cell.length_a   86.900
_cell.length_b   86.900
_cell.length_c   154.500
_cell.angle_alpha   90.00
_cell.angle_beta   90.00
_cell.angle_gamma   120.00
#
_symmetry.space_group_name_H-M   'P 32 2 1'
#
loop_
_entity.id
_entity.type
_entity.pdbx_description
1 polymer 'INOSITOL MONOPHOSPHATASE'
2 non-polymer 'GADOLINIUM ATOM'
3 non-polymer L-MYO-INOSITOL-1-PHOSPHATE
4 water water
#
_entity_poly.entity_id   1
_entity_poly.type   'polypeptide(L)'
_entity_poly.pdbx_seq_one_letter_code
;MADPWQECMDYAVTLARQAGEVVCEAIKNEMNVMLKSSPVDLVTATDQKVEKMLISSIKEKYPSHSFIGEESVAAGEKSI
LTDNPTWIIDPIDGTTNFVHRFPFVAVSIGFAVNKKIEFGVVYSCVEGKMYTARKGKGAFCNGQKLQVSQQEDITKSLLV
TELGSSRTPETVRMVLSNMEKLFCIPVHGIRSVGTAAVNMCLVATGGADAYYEMGIHCWDVAGAGIIVTEAGGVLMDVTG
GPFDLMSRRVIAANNRILAERIAKEIQVIPLQRDDED
;
_entity_poly.pdbx_strand_id   A,B
#
# COMPACT_ATOMS: atom_id res chain seq x y z
N TRP A 5 24.78 20.64 -13.73
CA TRP A 5 24.12 20.00 -12.56
C TRP A 5 24.28 18.47 -12.51
N GLN A 6 24.81 17.87 -13.57
CA GLN A 6 24.92 16.42 -13.64
C GLN A 6 25.89 15.87 -12.59
N GLU A 7 26.88 16.68 -12.26
CA GLU A 7 27.82 16.33 -11.21
C GLU A 7 27.11 16.36 -9.87
N CYS A 8 26.33 17.42 -9.65
CA CYS A 8 25.49 17.50 -8.46
C CYS A 8 24.58 16.29 -8.42
N MET A 9 24.01 15.94 -9.56
CA MET A 9 23.08 14.83 -9.62
C MET A 9 23.72 13.48 -9.33
N ASP A 10 24.86 13.21 -9.96
CA ASP A 10 25.61 11.98 -9.70
C ASP A 10 26.01 11.90 -8.22
N TYR A 11 26.35 13.04 -7.63
CA TYR A 11 26.64 13.12 -6.21
C TYR A 11 25.42 12.76 -5.37
N ALA A 12 24.28 13.33 -5.75
CA ALA A 12 23.01 13.11 -5.06
C ALA A 12 22.67 11.63 -5.02
N VAL A 13 22.80 10.95 -6.15
CA VAL A 13 22.47 9.55 -6.22
C VAL A 13 23.30 8.73 -5.26
N THR A 14 24.58 9.08 -5.17
CA THR A 14 25.53 8.46 -4.25
C THR A 14 25.14 8.70 -2.79
N LEU A 15 24.81 9.93 -2.47
CA LEU A 15 24.36 10.28 -1.13
C LEU A 15 23.06 9.57 -0.73
N ALA A 16 22.07 9.54 -1.64
CA ALA A 16 20.79 8.88 -1.34
C ALA A 16 20.96 7.39 -1.09
N ARG A 17 21.79 6.72 -1.89
CA ARG A 17 22.01 5.30 -1.69
C ARG A 17 22.72 5.00 -0.37
N GLN A 18 23.70 5.83 -0.03
CA GLN A 18 24.39 5.79 1.26
C GLN A 18 23.42 5.90 2.44
N ALA A 19 22.72 7.04 2.50
CA ALA A 19 21.74 7.29 3.55
C ALA A 19 20.68 6.18 3.60
N GLY A 20 20.26 5.70 2.43
CA GLY A 20 19.32 4.57 2.39
C GLY A 20 19.84 3.35 3.13
N GLU A 21 21.15 3.13 3.06
CA GLU A 21 21.78 2.07 3.83
C GLU A 21 21.68 2.25 5.35
N VAL A 22 21.86 3.48 5.82
CA VAL A 22 21.64 3.81 7.23
C VAL A 22 20.19 3.55 7.64
N VAL A 23 19.26 4.04 6.85
CA VAL A 23 17.83 3.89 7.17
C VAL A 23 17.47 2.42 7.30
N CYS A 24 17.84 1.64 6.28
CA CYS A 24 17.42 0.24 6.20
C CYS A 24 18.18 -0.72 7.13
N GLU A 25 19.29 -0.30 7.74
CA GLU A 25 19.84 -1.07 8.84
C GLU A 25 19.16 -0.69 10.13
N ALA A 26 18.78 0.58 10.24
CA ALA A 26 18.13 1.08 11.43
C ALA A 26 16.75 0.49 11.60
N ILE A 27 16.07 0.21 10.49
CA ILE A 27 14.68 -0.22 10.51
C ILE A 27 14.52 -1.59 11.14
N LYS A 28 15.60 -2.36 11.21
CA LYS A 28 15.53 -3.67 11.84
C LYS A 28 15.98 -3.64 13.29
N ASN A 29 16.16 -2.45 13.83
CA ASN A 29 16.57 -2.31 15.22
C ASN A 29 15.52 -1.54 16.01
N GLU A 30 15.64 -1.57 17.33
CA GLU A 30 14.72 -0.85 18.19
C GLU A 30 14.92 0.65 18.03
N MET A 31 13.82 1.39 18.04
CA MET A 31 13.85 2.85 17.96
C MET A 31 13.32 3.43 19.28
N ASN A 32 13.92 4.53 19.72
CA ASN A 32 13.19 5.47 20.57
C ASN A 32 12.41 6.46 19.69
N VAL A 33 11.09 6.37 19.82
CA VAL A 33 10.17 7.20 19.08
C VAL A 33 9.84 8.46 19.87
N MET A 34 9.94 9.61 19.22
CA MET A 34 9.64 10.87 19.85
C MET A 34 8.51 11.53 19.09
N LEU A 35 7.78 12.41 19.76
CA LEU A 35 6.73 13.18 19.12
C LEU A 35 7.23 14.60 18.80
N LYS A 36 6.70 15.19 17.75
CA LYS A 36 6.90 16.60 17.53
C LYS A 36 5.65 17.32 17.97
N SER A 37 4.76 17.65 17.05
CA SER A 37 3.67 18.54 17.42
C SER A 37 2.41 17.82 17.85
N SER A 38 2.39 16.49 17.74
CA SER A 38 1.21 15.73 18.06
C SER A 38 1.61 14.26 18.26
N PRO A 39 0.69 13.43 18.81
CA PRO A 39 1.02 12.05 19.12
C PRO A 39 1.10 11.14 17.88
N VAL A 40 0.81 11.70 16.71
CA VAL A 40 0.94 10.95 15.48
C VAL A 40 1.94 11.62 14.54
N ASP A 41 2.61 12.65 15.05
CA ASP A 41 3.66 13.35 14.33
C ASP A 41 5.01 12.90 14.88
N LEU A 42 5.57 11.86 14.28
CA LEU A 42 6.67 11.09 14.86
C LEU A 42 8.05 11.47 14.33
N VAL A 43 9.07 11.25 15.15
CA VAL A 43 10.46 11.39 14.75
C VAL A 43 11.33 10.42 15.54
N THR A 44 12.40 9.95 14.94
CA THR A 44 13.34 9.08 15.62
C THR A 44 14.73 9.71 15.55
N ALA A 45 15.71 9.05 16.14
CA ALA A 45 17.11 9.44 15.98
C ALA A 45 17.61 9.33 14.53
N THR A 46 17.11 8.35 13.77
CA THR A 46 17.55 8.17 12.38
C THR A 46 17.13 9.30 11.42
N ASP A 47 15.90 9.80 11.52
CA ASP A 47 15.49 10.95 10.71
C ASP A 47 16.53 12.07 10.85
N GLN A 48 16.88 12.36 12.10
CA GLN A 48 17.74 13.51 12.40
C GLN A 48 19.18 13.20 12.03
N LYS A 49 19.62 12.00 12.37
CA LYS A 49 20.95 11.52 12.02
C LYS A 49 21.17 11.62 10.51
N VAL A 50 20.23 11.09 9.74
CA VAL A 50 20.37 11.03 8.29
C VAL A 50 20.34 12.40 7.66
N GLU A 51 19.53 13.32 8.18
CA GLU A 51 19.50 14.66 7.60
C GLU A 51 20.79 15.44 7.87
N LYS A 52 21.33 15.27 9.07
CA LYS A 52 22.60 15.90 9.40
C LYS A 52 23.71 15.40 8.48
N MET A 53 23.84 14.09 8.33
CA MET A 53 24.79 13.51 7.40
C MET A 53 24.62 14.11 6.01
N LEU A 54 23.39 14.11 5.51
CA LEU A 54 23.13 14.56 4.17
C LEU A 54 23.52 16.01 3.98
N ILE A 55 23.21 16.86 4.95
CA ILE A 55 23.49 18.29 4.79
C ILE A 55 24.95 18.65 4.95
N SER A 56 25.66 17.95 5.83
CA SER A 56 27.11 18.09 5.93
C SER A 56 27.85 17.72 4.66
N SER A 57 27.55 16.56 4.09
CA SER A 57 28.25 16.11 2.90
C SER A 57 28.02 17.00 1.69
N ILE A 58 26.81 17.52 1.54
CA ILE A 58 26.51 18.40 0.43
C ILE A 58 27.26 19.70 0.59
N LYS A 59 27.08 20.37 1.72
CA LYS A 59 27.65 21.69 1.87
C LYS A 59 29.16 21.63 2.07
N GLU A 60 29.65 20.42 2.34
CA GLU A 60 31.08 20.14 2.29
C GLU A 60 31.57 20.32 0.88
N LYS A 61 30.78 19.83 -0.08
CA LYS A 61 31.17 19.88 -1.47
C LYS A 61 30.62 21.12 -2.17
N TYR A 62 29.51 21.67 -1.67
CA TYR A 62 28.83 22.77 -2.35
C TYR A 62 28.43 23.90 -1.40
N PRO A 63 29.44 24.67 -0.94
CA PRO A 63 29.35 25.67 0.14
C PRO A 63 28.32 26.78 -0.08
N SER A 64 28.15 27.18 -1.33
CA SER A 64 27.25 28.28 -1.68
C SER A 64 25.77 27.88 -1.69
N HIS A 65 25.51 26.57 -1.74
CA HIS A 65 24.16 26.09 -1.99
C HIS A 65 23.30 26.22 -0.75
N SER A 66 22.00 26.39 -0.97
CA SER A 66 21.02 26.42 0.11
C SER A 66 20.40 25.05 0.36
N PHE A 67 19.70 24.94 1.49
CA PHE A 67 19.13 23.69 2.00
C PHE A 67 17.75 23.93 2.62
N ILE A 68 16.78 23.06 2.31
CA ILE A 68 15.54 23.02 3.08
C ILE A 68 15.37 21.58 3.52
N GLY A 69 15.24 21.35 4.82
CA GLY A 69 15.04 20.00 5.32
C GLY A 69 14.01 19.94 6.43
N GLU A 70 13.33 18.80 6.56
CA GLU A 70 12.27 18.67 7.55
C GLU A 70 12.76 18.91 8.97
N GLU A 71 13.79 18.19 9.41
CA GLU A 71 14.20 18.28 10.81
C GLU A 71 14.91 19.59 11.12
N SER A 72 15.54 20.19 10.12
CA SER A 72 16.12 21.53 10.23
C SER A 72 15.06 22.59 10.50
N VAL A 73 13.94 22.49 9.79
CA VAL A 73 12.80 23.37 10.00
C VAL A 73 12.24 23.14 11.40
N ALA A 74 12.25 21.89 11.85
CA ALA A 74 11.83 21.57 13.23
C ALA A 74 12.83 22.10 14.26
N ALA A 75 14.02 22.46 13.82
CA ALA A 75 15.05 22.96 14.72
C ALA A 75 15.17 24.47 14.58
N GLY A 76 14.30 25.05 13.79
CA GLY A 76 14.15 26.50 13.79
C GLY A 76 14.52 27.15 12.48
N GLU A 77 15.04 26.36 11.54
CA GLU A 77 15.32 26.88 10.20
C GLU A 77 14.01 27.12 9.47
N LYS A 78 14.03 28.06 8.53
CA LYS A 78 12.81 28.47 7.83
C LYS A 78 12.80 27.96 6.41
N SER A 79 11.62 27.60 5.91
CA SER A 79 11.51 26.98 4.59
C SER A 79 11.17 28.01 3.50
N ILE A 80 12.08 28.95 3.27
CA ILE A 80 11.91 29.89 2.18
C ILE A 80 12.80 29.49 0.99
N LEU A 81 12.18 29.44 -0.18
CA LEU A 81 12.87 29.05 -1.39
C LEU A 81 13.29 30.28 -2.18
N THR A 82 14.60 30.45 -2.37
CA THR A 82 15.12 31.51 -3.22
C THR A 82 15.53 30.95 -4.59
N ASP A 83 16.13 31.78 -5.42
CA ASP A 83 16.55 31.38 -6.76
C ASP A 83 17.86 30.60 -6.70
N ASN A 84 18.56 30.72 -5.57
CA ASN A 84 19.80 30.00 -5.32
C ASN A 84 19.58 28.49 -5.53
N PRO A 85 20.62 27.76 -5.97
CA PRO A 85 20.56 26.30 -5.90
C PRO A 85 20.19 25.85 -4.49
N THR A 86 19.12 25.07 -4.38
CA THR A 86 18.63 24.62 -3.08
C THR A 86 18.36 23.13 -3.11
N TRP A 87 18.91 22.41 -2.13
CA TRP A 87 18.60 21.00 -1.91
C TRP A 87 17.42 20.89 -0.95
N ILE A 88 16.36 20.27 -1.42
CA ILE A 88 15.17 20.05 -0.64
C ILE A 88 15.10 18.57 -0.25
N ILE A 89 15.19 18.32 1.06
CA ILE A 89 15.52 17.01 1.59
C ILE A 89 14.50 16.48 2.63
N ASP A 90 14.04 15.26 2.41
CA ASP A 90 13.38 14.49 3.45
C ASP A 90 14.27 13.28 3.71
N PRO A 91 14.85 13.19 4.93
CA PRO A 91 15.69 12.03 5.27
C PRO A 91 14.91 10.70 5.25
N ILE A 92 13.72 10.70 5.86
CA ILE A 92 12.78 9.57 5.82
C ILE A 92 11.35 10.08 5.56
N ASP A 93 10.90 9.87 4.33
CA ASP A 93 9.51 10.07 4.00
C ASP A 93 8.80 8.75 4.28
N GLY A 94 7.85 8.76 5.20
CA GLY A 94 7.29 7.50 5.67
C GLY A 94 7.78 7.15 7.08
N THR A 95 7.98 8.15 7.94
CA THR A 95 8.50 7.88 9.29
C THR A 95 7.62 6.94 10.10
N THR A 96 6.29 7.07 9.97
CA THR A 96 5.38 6.13 10.61
C THR A 96 5.51 4.71 10.06
N ASN A 97 5.67 4.55 8.75
CA ASN A 97 6.01 3.25 8.16
C ASN A 97 7.31 2.70 8.75
N PHE A 98 8.29 3.59 8.91
CA PHE A 98 9.61 3.23 9.40
C PHE A 98 9.50 2.67 10.82
N VAL A 99 8.80 3.42 11.68
CA VAL A 99 8.61 3.07 13.09
C VAL A 99 8.01 1.69 13.24
N HIS A 100 7.13 1.35 12.30
CA HIS A 100 6.35 0.11 12.35
C HIS A 100 6.99 -1.02 11.57
N ARG A 101 8.00 -0.68 10.76
CA ARG A 101 8.60 -1.62 9.81
C ARG A 101 7.67 -1.96 8.66
N PHE A 102 6.75 -1.04 8.33
CA PHE A 102 5.97 -1.18 7.12
C PHE A 102 6.89 -0.85 5.94
N PRO A 103 7.02 -1.78 4.98
CA PRO A 103 8.18 -1.85 4.08
C PRO A 103 8.25 -0.81 2.93
N PHE A 104 7.73 0.40 3.16
CA PHE A 104 7.86 1.48 2.21
C PHE A 104 8.36 2.73 2.92
N VAL A 105 9.66 2.97 2.77
CA VAL A 105 10.29 4.19 3.27
C VAL A 105 11.26 4.69 2.22
N ALA A 106 11.34 6.01 2.06
CA ALA A 106 12.13 6.61 0.99
C ALA A 106 12.98 7.74 1.53
N VAL A 107 14.18 7.83 0.97
CA VAL A 107 15.00 9.02 1.11
C VAL A 107 14.69 9.85 -0.12
N SER A 108 14.43 11.14 0.08
CA SER A 108 14.04 12.01 -1.02
C SER A 108 14.94 13.25 -1.13
N ILE A 109 15.45 13.51 -2.33
CA ILE A 109 16.21 14.73 -2.62
C ILE A 109 15.73 15.40 -3.90
N GLY A 110 15.29 16.65 -3.78
CA GLY A 110 15.05 17.47 -4.96
C GLY A 110 16.05 18.61 -5.01
N PHE A 111 16.41 19.03 -6.22
CA PHE A 111 17.35 20.13 -6.40
C PHE A 111 16.69 21.24 -7.23
N ALA A 112 16.47 22.41 -6.63
CA ALA A 112 15.89 23.55 -7.33
C ALA A 112 16.89 24.68 -7.64
N VAL A 113 16.83 25.19 -8.87
CA VAL A 113 17.56 26.39 -9.29
C VAL A 113 16.56 27.37 -9.91
N ASN A 114 16.65 28.63 -9.51
CA ASN A 114 15.67 29.64 -9.87
C ASN A 114 14.26 29.16 -9.55
N LYS A 115 14.16 28.48 -8.41
CA LYS A 115 12.88 28.03 -7.89
C LYS A 115 12.16 27.02 -8.82
N LYS A 116 12.92 26.33 -9.65
CA LYS A 116 12.41 25.18 -10.41
C LYS A 116 13.26 23.93 -10.16
N ILE A 117 12.59 22.78 -9.99
CA ILE A 117 13.26 21.48 -9.79
C ILE A 117 14.01 21.06 -11.05
N GLU A 118 15.32 20.86 -10.91
CA GLU A 118 16.18 20.43 -12.02
C GLU A 118 16.30 18.91 -12.09
N PHE A 119 16.58 18.31 -10.93
CA PHE A 119 16.59 16.84 -10.84
C PHE A 119 16.00 16.33 -9.53
N GLY A 120 15.68 15.05 -9.51
CA GLY A 120 15.08 14.44 -8.34
C GLY A 120 15.57 13.01 -8.20
N VAL A 121 15.84 12.62 -6.96
CA VAL A 121 16.31 11.30 -6.61
C VAL A 121 15.44 10.81 -5.43
N VAL A 122 14.83 9.63 -5.60
CA VAL A 122 14.02 9.01 -4.52
C VAL A 122 14.45 7.55 -4.37
N TYR A 123 14.98 7.24 -3.20
CA TYR A 123 15.49 5.91 -2.89
C TYR A 123 14.60 5.15 -1.91
N SER A 124 13.90 4.14 -2.43
CA SER A 124 13.07 3.28 -1.63
C SER A 124 13.95 2.11 -1.18
N CYS A 125 14.51 2.24 0.01
CA CYS A 125 15.63 1.37 0.38
C CYS A 125 15.26 -0.08 0.65
N VAL A 126 14.05 -0.33 1.12
CA VAL A 126 13.64 -1.68 1.46
C VAL A 126 13.45 -2.54 0.20
N GLU A 127 12.99 -1.93 -0.89
CA GLU A 127 12.87 -2.64 -2.17
C GLU A 127 14.16 -2.61 -3.00
N GLY A 128 15.10 -1.76 -2.62
CA GLY A 128 16.27 -1.53 -3.45
C GLY A 128 15.90 -0.85 -4.76
N LYS A 129 15.01 0.14 -4.70
CA LYS A 129 14.58 0.86 -5.88
C LYS A 129 15.07 2.29 -5.88
N MET A 130 15.90 2.63 -6.86
CA MET A 130 16.37 4.00 -7.01
C MET A 130 15.67 4.67 -8.21
N TYR A 131 14.82 5.65 -7.91
CA TYR A 131 14.14 6.44 -8.95
C TYR A 131 14.86 7.78 -9.12
N THR A 132 15.22 8.09 -10.36
CA THR A 132 15.90 9.35 -10.65
C THR A 132 15.27 10.03 -11.87
N ALA A 133 15.37 11.35 -11.93
CA ALA A 133 14.93 12.10 -13.09
C ALA A 133 15.62 13.45 -13.20
N ARG A 134 15.97 13.82 -14.42
CA ARG A 134 16.54 15.13 -14.71
C ARG A 134 15.74 15.81 -15.79
N LYS A 135 15.48 17.10 -15.63
CA LYS A 135 14.69 17.88 -16.56
C LYS A 135 15.16 17.65 -17.99
N GLY A 136 14.23 17.23 -18.83
CA GLY A 136 14.53 17.06 -20.24
C GLY A 136 15.23 15.76 -20.54
N LYS A 137 15.51 14.96 -19.52
CA LYS A 137 16.31 13.76 -19.74
C LYS A 137 15.61 12.44 -19.42
N GLY A 138 14.39 12.50 -18.89
CA GLY A 138 13.61 11.30 -18.67
C GLY A 138 13.67 10.77 -17.25
N ALA A 139 12.83 9.77 -16.97
CA ALA A 139 12.66 9.21 -15.63
C ALA A 139 13.03 7.74 -15.66
N PHE A 140 13.66 7.24 -14.60
CA PHE A 140 14.27 5.92 -14.58
C PHE A 140 14.12 5.29 -13.21
N CYS A 141 13.92 3.97 -13.19
CA CYS A 141 14.02 3.18 -11.97
C CYS A 141 15.06 2.08 -12.16
N ASN A 142 16.19 2.24 -11.48
CA ASN A 142 17.30 1.29 -11.62
C ASN A 142 17.66 1.09 -13.09
N GLY A 143 17.83 2.19 -13.80
CA GLY A 143 18.27 2.11 -15.18
C GLY A 143 17.14 1.92 -16.17
N GLN A 144 15.94 1.61 -15.67
CA GLN A 144 14.80 1.34 -16.53
C GLN A 144 13.89 2.56 -16.71
N LYS A 145 13.52 2.86 -17.95
CA LYS A 145 12.78 4.06 -18.27
C LYS A 145 11.31 3.96 -17.88
N LEU A 146 10.80 4.99 -17.19
CA LEU A 146 9.42 5.01 -16.70
C LEU A 146 8.49 5.75 -17.67
N GLN A 147 7.24 5.33 -17.69
CA GLN A 147 6.21 5.98 -18.49
C GLN A 147 4.87 5.86 -17.73
N VAL A 148 4.17 6.98 -17.56
CA VAL A 148 2.87 6.97 -16.91
C VAL A 148 1.85 6.19 -17.73
N SER A 149 0.70 5.90 -17.14
CA SER A 149 -0.34 5.16 -17.85
C SER A 149 -1.05 6.03 -18.90
N GLN A 150 -1.90 5.40 -19.69
CA GLN A 150 -2.59 6.07 -20.80
C GLN A 150 -4.04 6.37 -20.48
N GLN A 151 -4.48 5.98 -19.29
CA GLN A 151 -5.88 6.07 -18.90
C GLN A 151 -6.37 7.51 -18.89
N GLU A 152 -7.48 7.76 -19.61
CA GLU A 152 -8.11 9.08 -19.67
C GLU A 152 -9.52 9.04 -19.12
N ASP A 153 -10.02 7.83 -18.88
CA ASP A 153 -11.32 7.58 -18.28
C ASP A 153 -11.20 7.40 -16.77
N ILE A 154 -11.78 8.33 -16.01
CA ILE A 154 -11.71 8.31 -14.56
C ILE A 154 -12.39 7.06 -13.97
N THR A 155 -13.39 6.52 -14.66
CA THR A 155 -14.18 5.39 -14.13
C THR A 155 -13.38 4.08 -14.20
N LYS A 156 -12.23 4.15 -14.85
CA LYS A 156 -11.36 2.99 -14.99
C LYS A 156 -9.98 3.27 -14.42
N SER A 157 -9.89 4.26 -13.55
CA SER A 157 -8.60 4.64 -12.99
C SER A 157 -8.40 4.10 -11.56
N LEU A 158 -7.15 4.01 -11.12
CA LEU A 158 -6.78 3.59 -9.77
C LEU A 158 -6.01 4.74 -9.14
N LEU A 159 -6.46 5.20 -7.97
CA LEU A 159 -5.90 6.40 -7.35
C LEU A 159 -5.13 6.02 -6.11
N VAL A 160 -4.15 6.83 -5.74
CA VAL A 160 -3.52 6.73 -4.43
C VAL A 160 -3.68 8.06 -3.69
N THR A 161 -3.87 7.98 -2.39
CA THR A 161 -3.96 9.16 -1.56
C THR A 161 -3.71 8.69 -0.12
N GLU A 162 -3.64 9.63 0.81
CA GLU A 162 -3.32 9.29 2.18
C GLU A 162 -4.33 10.01 3.04
N LEU A 163 -4.66 9.44 4.20
CA LEU A 163 -5.53 10.10 5.19
C LEU A 163 -4.84 11.29 5.89
N GLY A 164 -3.51 11.31 5.91
CA GLY A 164 -2.78 12.46 6.41
C GLY A 164 -2.50 12.45 7.90
N SER A 165 -1.97 13.55 8.41
CA SER A 165 -1.46 13.59 9.78
C SER A 165 -2.32 14.41 10.72
N SER A 166 -3.36 15.05 10.16
CA SER A 166 -4.32 15.77 10.98
C SER A 166 -5.33 14.81 11.59
N ARG A 167 -5.64 15.02 12.88
CA ARG A 167 -6.74 14.32 13.52
C ARG A 167 -7.83 15.32 13.93
N THR A 168 -7.71 16.55 13.45
CA THR A 168 -8.78 17.54 13.62
C THR A 168 -10.03 17.04 12.91
N PRO A 169 -11.16 17.02 13.61
CA PRO A 169 -12.36 16.32 13.15
C PRO A 169 -12.99 16.97 11.92
N GLU A 170 -12.83 18.28 11.80
CA GLU A 170 -13.30 18.99 10.61
C GLU A 170 -12.47 18.64 9.36
N THR A 171 -11.16 18.59 9.54
CA THR A 171 -10.22 18.21 8.49
C THR A 171 -10.45 16.76 8.05
N VAL A 172 -10.52 15.86 9.01
CA VAL A 172 -10.69 14.43 8.76
C VAL A 172 -12.00 14.16 8.01
N ARG A 173 -13.06 14.83 8.41
CA ARG A 173 -14.35 14.67 7.74
C ARG A 173 -14.28 15.16 6.29
N MET A 174 -13.48 16.18 6.06
CA MET A 174 -13.26 16.66 4.69
C MET A 174 -12.46 15.66 3.87
N VAL A 175 -11.41 15.08 4.45
CA VAL A 175 -10.56 14.10 3.78
C VAL A 175 -11.36 12.88 3.32
N LEU A 176 -12.22 12.38 4.20
CA LEU A 176 -13.04 11.19 3.88
C LEU A 176 -14.20 11.50 2.93
N SER A 177 -14.79 12.68 3.10
CA SER A 177 -15.82 13.17 2.20
C SER A 177 -15.29 13.30 0.77
N ASN A 178 -14.08 13.83 0.60
CA ASN A 178 -13.44 13.91 -0.71
C ASN A 178 -13.21 12.50 -1.26
N MET A 179 -12.75 11.60 -0.40
CA MET A 179 -12.59 10.19 -0.76
C MET A 179 -13.87 9.57 -1.29
N GLU A 180 -14.96 9.80 -0.55
CA GLU A 180 -16.26 9.25 -0.90
C GLU A 180 -16.75 9.71 -2.27
N LYS A 181 -16.55 10.99 -2.58
CA LYS A 181 -16.94 11.56 -3.87
C LYS A 181 -16.25 10.84 -5.03
N LEU A 182 -14.93 10.69 -4.94
CA LEU A 182 -14.15 10.01 -5.96
C LEU A 182 -14.48 8.52 -6.05
N PHE A 183 -14.57 7.85 -4.92
CA PHE A 183 -14.82 6.42 -4.87
C PHE A 183 -16.15 6.06 -5.57
N CYS A 184 -17.10 6.97 -5.43
CA CYS A 184 -18.45 6.78 -5.92
C CYS A 184 -18.72 7.30 -7.35
N ILE A 185 -17.70 7.78 -8.05
CA ILE A 185 -17.85 8.21 -9.44
C ILE A 185 -18.37 7.11 -10.39
N PRO A 186 -17.90 5.85 -10.26
CA PRO A 186 -16.87 5.28 -9.38
C PRO A 186 -15.50 5.22 -10.06
N VAL A 187 -14.45 5.06 -9.25
CA VAL A 187 -13.14 4.72 -9.77
C VAL A 187 -12.95 3.24 -9.46
N HIS A 188 -11.93 2.62 -10.06
CA HIS A 188 -11.66 1.20 -9.78
C HIS A 188 -11.22 0.98 -8.33
N GLY A 189 -10.51 1.94 -7.76
CA GLY A 189 -10.03 1.76 -6.40
C GLY A 189 -9.18 2.88 -5.86
N ILE A 190 -8.83 2.77 -4.58
CA ILE A 190 -7.99 3.73 -3.88
C ILE A 190 -7.02 2.95 -2.98
N ARG A 191 -5.73 3.26 -3.11
CA ARG A 191 -4.67 2.61 -2.35
C ARG A 191 -3.95 3.66 -1.49
N SER A 192 -3.24 3.22 -0.45
CA SER A 192 -2.45 4.10 0.42
C SER A 192 -1.25 3.33 0.91
N VAL A 193 -0.07 3.78 0.51
CA VAL A 193 1.15 3.04 0.83
C VAL A 193 1.91 3.70 1.99
N GLY A 194 1.55 4.94 2.32
CA GLY A 194 2.06 5.60 3.51
C GLY A 194 3.16 6.63 3.31
N THR A 195 3.53 6.89 2.08
CA THR A 195 4.53 7.92 1.78
C THR A 195 4.22 8.57 0.43
N ALA A 196 4.23 9.90 0.41
CA ALA A 196 3.93 10.70 -0.79
C ALA A 196 4.86 10.41 -1.96
N ALA A 197 6.15 10.29 -1.64
CA ALA A 197 7.20 10.12 -2.65
C ALA A 197 7.12 8.77 -3.35
N VAL A 198 6.82 7.73 -2.57
CA VAL A 198 6.56 6.40 -3.12
C VAL A 198 5.23 6.34 -3.86
N ASN A 199 4.17 6.94 -3.28
CA ASN A 199 2.90 7.08 -3.96
C ASN A 199 3.10 7.70 -5.35
N MET A 200 3.80 8.84 -5.39
CA MET A 200 4.07 9.52 -6.65
C MET A 200 4.95 8.69 -7.61
N CYS A 201 5.93 7.96 -7.06
CA CYS A 201 6.73 7.05 -7.88
C CYS A 201 5.92 5.92 -8.50
N LEU A 202 4.85 5.50 -7.83
CA LEU A 202 3.96 4.49 -8.38
C LEU A 202 3.12 5.05 -9.53
N VAL A 203 2.85 6.36 -9.50
CA VAL A 203 2.19 7.01 -10.62
C VAL A 203 3.11 7.09 -11.85
N ALA A 204 4.38 7.40 -11.64
CA ALA A 204 5.37 7.48 -12.72
C ALA A 204 5.58 6.16 -13.48
N THR A 205 5.51 5.04 -12.77
CA THR A 205 5.74 3.73 -13.37
C THR A 205 4.49 3.28 -14.14
N GLY A 206 3.36 3.88 -13.83
CA GLY A 206 2.13 3.50 -14.49
C GLY A 206 1.28 2.54 -13.68
N GLY A 207 1.75 2.20 -12.48
CA GLY A 207 1.02 1.32 -11.59
C GLY A 207 -0.24 1.96 -11.00
N ALA A 208 -0.19 3.26 -10.73
CA ALA A 208 -1.38 4.01 -10.36
C ALA A 208 -1.56 5.12 -11.39
N ASP A 209 -2.80 5.55 -11.61
CA ASP A 209 -3.08 6.58 -12.59
C ASP A 209 -2.93 8.01 -12.05
N ALA A 210 -3.10 8.20 -10.74
CA ALA A 210 -3.01 9.53 -10.17
C ALA A 210 -2.87 9.51 -8.67
N TYR A 211 -2.24 10.55 -8.12
CA TYR A 211 -2.10 10.72 -6.68
C TYR A 211 -2.59 12.14 -6.34
N TYR A 212 -3.26 12.33 -5.22
CA TYR A 212 -3.57 13.68 -4.76
C TYR A 212 -3.46 13.70 -3.24
N GLU A 213 -3.17 14.86 -2.67
CA GLU A 213 -3.21 15.03 -1.22
C GLU A 213 -3.11 16.49 -0.86
N MET A 214 -3.67 16.85 0.29
CA MET A 214 -3.51 18.19 0.88
C MET A 214 -3.00 18.05 2.31
N GLY A 215 -1.94 18.77 2.64
CA GLY A 215 -1.39 18.71 3.99
C GLY A 215 0.08 18.31 4.01
N ILE A 216 0.58 17.87 2.87
CA ILE A 216 1.99 17.53 2.73
C ILE A 216 2.85 18.79 2.69
N HIS A 217 4.16 18.62 2.56
CA HIS A 217 5.12 19.73 2.63
C HIS A 217 6.09 19.66 1.45
N CYS A 218 6.85 20.72 1.25
CA CYS A 218 7.74 20.80 0.08
C CYS A 218 8.74 19.65 0.03
N TRP A 219 9.20 19.20 1.20
CA TRP A 219 10.19 18.12 1.28
C TRP A 219 9.64 16.72 0.99
N ASP A 220 8.36 16.52 1.23
CA ASP A 220 7.70 15.26 0.89
C ASP A 220 7.61 15.08 -0.63
N VAL A 221 7.49 16.18 -1.39
CA VAL A 221 7.16 16.09 -2.82
C VAL A 221 8.20 16.60 -3.82
N ALA A 222 9.23 17.30 -3.35
CA ALA A 222 10.24 17.90 -4.23
C ALA A 222 11.00 16.90 -5.12
N GLY A 223 11.41 15.78 -4.56
CA GLY A 223 12.11 14.78 -5.34
C GLY A 223 11.24 14.08 -6.36
N ALA A 224 10.02 13.71 -5.97
CA ALA A 224 9.21 12.80 -6.79
C ALA A 224 8.41 13.50 -7.86
N GLY A 225 8.27 14.82 -7.73
CA GLY A 225 7.51 15.60 -8.70
C GLY A 225 8.05 15.58 -10.11
N ILE A 226 9.36 15.74 -10.25
CA ILE A 226 10.01 15.75 -11.55
C ILE A 226 10.12 14.33 -12.13
N ILE A 227 10.04 13.33 -11.27
CA ILE A 227 9.98 11.93 -11.70
C ILE A 227 8.63 11.63 -12.40
N VAL A 228 7.53 12.17 -11.87
CA VAL A 228 6.23 12.05 -12.53
C VAL A 228 6.20 12.81 -13.86
N THR A 229 6.72 14.04 -13.87
CA THR A 229 6.67 14.86 -15.07
C THR A 229 7.57 14.32 -16.18
N GLU A 230 8.75 13.84 -15.82
CA GLU A 230 9.68 13.27 -16.81
C GLU A 230 9.22 11.90 -17.32
N ALA A 231 8.37 11.24 -16.55
CA ALA A 231 7.72 10.02 -17.02
C ALA A 231 6.50 10.35 -17.88
N GLY A 232 6.19 11.65 -17.99
CA GLY A 232 5.14 12.11 -18.89
C GLY A 232 3.87 12.55 -18.19
N GLY A 233 3.89 12.64 -16.86
CA GLY A 233 2.72 13.05 -16.11
C GLY A 233 2.63 14.56 -15.98
N VAL A 234 1.69 15.02 -15.16
CA VAL A 234 1.49 16.45 -14.91
C VAL A 234 1.28 16.67 -13.41
N LEU A 235 1.75 17.81 -12.93
CA LEU A 235 1.47 18.25 -11.56
C LEU A 235 0.50 19.44 -11.63
N MET A 236 -0.27 19.63 -10.57
CA MET A 236 -1.31 20.65 -10.56
C MET A 236 -1.71 20.87 -9.11
N ASP A 237 -2.10 22.09 -8.77
CA ASP A 237 -2.69 22.37 -7.47
C ASP A 237 -4.09 21.76 -7.47
N VAL A 238 -4.61 21.45 -6.29
CA VAL A 238 -5.97 20.91 -6.17
C VAL A 238 -7.04 21.94 -6.56
N THR A 239 -6.65 23.22 -6.55
CA THR A 239 -7.50 24.35 -6.96
C THR A 239 -7.82 24.36 -8.45
N GLY A 240 -7.05 23.59 -9.24
CA GLY A 240 -7.05 23.73 -10.68
C GLY A 240 -5.89 24.59 -11.16
N GLY A 241 -5.29 25.34 -10.24
CA GLY A 241 -4.18 26.23 -10.59
C GLY A 241 -2.86 25.50 -10.82
N PRO A 242 -1.76 26.23 -11.12
CA PRO A 242 -0.46 25.60 -11.36
C PRO A 242 0.09 25.02 -10.06
N PHE A 243 0.82 23.92 -10.15
CA PHE A 243 1.46 23.34 -8.96
C PHE A 243 2.30 24.39 -8.27
N ASP A 244 2.27 24.38 -6.94
CA ASP A 244 3.02 25.32 -6.13
C ASP A 244 3.69 24.53 -5.02
N LEU A 245 5.01 24.48 -5.08
CA LEU A 245 5.80 23.63 -4.19
C LEU A 245 5.61 23.97 -2.71
N MET A 246 5.21 25.20 -2.43
CA MET A 246 5.03 25.63 -1.03
C MET A 246 3.59 25.67 -0.54
N SER A 247 2.65 25.24 -1.39
CA SER A 247 1.22 25.39 -1.09
C SER A 247 0.61 24.28 -0.23
N ARG A 248 1.37 23.21 0.01
CA ARG A 248 0.89 22.07 0.82
C ARG A 248 -0.15 21.21 0.09
N ARG A 249 -0.29 21.39 -1.21
CA ARG A 249 -1.34 20.71 -1.96
C ARG A 249 -0.82 20.19 -3.31
N VAL A 250 -1.29 19.02 -3.74
CA VAL A 250 -0.80 18.46 -4.99
C VAL A 250 -1.76 17.45 -5.60
N ILE A 251 -1.89 17.53 -6.92
CA ILE A 251 -2.32 16.41 -7.77
C ILE A 251 -1.14 16.05 -8.70
N ALA A 252 -0.75 14.77 -8.68
CA ALA A 252 0.25 14.26 -9.63
C ALA A 252 -0.43 13.15 -10.46
N ALA A 253 -0.79 13.44 -11.70
CA ALA A 253 -1.59 12.53 -12.50
C ALA A 253 -0.86 12.13 -13.76
N ASN A 254 -1.38 11.13 -14.44
CA ASN A 254 -0.79 10.67 -15.69
C ASN A 254 -1.01 11.71 -16.77
N ASN A 255 -2.15 12.37 -16.72
CA ASN A 255 -2.48 13.35 -17.73
C ASN A 255 -3.47 14.38 -17.23
N ARG A 256 -3.66 15.43 -18.01
CA ARG A 256 -4.44 16.61 -17.63
C ARG A 256 -5.92 16.29 -17.45
N ILE A 257 -6.44 15.37 -18.25
CA ILE A 257 -7.85 15.02 -18.20
C ILE A 257 -8.23 14.43 -16.84
N LEU A 258 -7.40 13.53 -16.34
CA LEU A 258 -7.59 12.94 -15.03
C LEU A 258 -7.39 13.95 -13.90
N ALA A 259 -6.34 14.77 -13.98
CA ALA A 259 -6.02 15.75 -12.93
C ALA A 259 -7.15 16.78 -12.72
N GLU A 260 -7.67 17.29 -13.83
CA GLU A 260 -8.73 18.28 -13.78
C GLU A 260 -10.04 17.70 -13.29
N ARG A 261 -10.31 16.44 -13.64
CA ARG A 261 -11.50 15.75 -13.15
C ARG A 261 -11.46 15.54 -11.63
N ILE A 262 -10.28 15.24 -11.09
CA ILE A 262 -10.12 15.14 -9.66
C ILE A 262 -10.31 16.51 -8.97
N ALA A 263 -9.65 17.56 -9.47
CA ALA A 263 -9.78 18.93 -8.90
C ALA A 263 -11.26 19.35 -8.82
N LYS A 264 -11.98 19.02 -9.88
CA LYS A 264 -13.40 19.29 -9.95
C LYS A 264 -14.17 18.63 -8.81
N GLU A 265 -13.85 17.39 -8.51
CA GLU A 265 -14.63 16.63 -7.56
C GLU A 265 -14.38 17.01 -6.10
N ILE A 266 -13.15 17.41 -5.78
CA ILE A 266 -12.77 17.58 -4.39
C ILE A 266 -12.71 19.02 -3.92
N GLN A 267 -12.98 19.20 -2.64
CA GLN A 267 -12.97 20.51 -2.02
C GLN A 267 -11.68 20.76 -1.27
N VAL A 268 -11.24 22.01 -1.31
CA VAL A 268 -9.97 22.41 -0.73
C VAL A 268 -10.06 22.67 0.76
N ILE A 269 -9.04 22.21 1.46
CA ILE A 269 -8.89 22.45 2.89
C ILE A 269 -7.93 23.64 3.01
N PRO A 270 -8.23 24.61 3.90
CA PRO A 270 -7.31 25.73 4.09
C PRO A 270 -6.09 25.31 4.89
N LEU A 271 -4.91 25.68 4.41
CA LEU A 271 -3.64 25.18 4.94
C LEU A 271 -2.68 26.36 5.09
N GLN A 272 -1.79 26.26 6.07
CA GLN A 272 -0.67 27.19 6.20
C GLN A 272 0.46 26.83 5.23
N ARG A 273 0.92 27.80 4.46
CA ARG A 273 1.98 27.55 3.49
C ARG A 273 3.31 27.29 4.17
N ASP A 274 4.23 26.70 3.42
CA ASP A 274 5.53 26.35 3.96
C ASP A 274 6.43 27.58 4.08
N ASP A 275 6.24 28.55 3.20
CA ASP A 275 7.01 29.79 3.25
C ASP A 275 6.36 30.85 4.15
N GLU A 276 5.49 30.43 5.06
CA GLU A 276 4.81 31.34 5.98
C GLU A 276 4.96 30.85 7.43
N ASP A 277 5.32 31.67 8.30
N TRP B 5 -0.48 -34.62 5.53
CA TRP B 5 -0.78 -33.36 4.79
C TRP B 5 0.48 -32.66 4.27
N GLN B 6 1.65 -33.08 4.72
CA GLN B 6 2.90 -32.43 4.33
C GLN B 6 3.18 -32.63 2.85
N GLU B 7 2.77 -33.78 2.32
CA GLU B 7 2.86 -34.10 0.90
C GLU B 7 1.97 -33.15 0.08
N CYS B 8 0.71 -33.05 0.48
CA CYS B 8 -0.23 -32.08 -0.06
C CYS B 8 0.36 -30.68 -0.03
N MET B 9 0.99 -30.34 1.09
CA MET B 9 1.56 -29.01 1.27
C MET B 9 2.76 -28.75 0.38
N ASP B 10 3.67 -29.73 0.33
CA ASP B 10 4.84 -29.65 -0.53
C ASP B 10 4.41 -29.49 -1.99
N TYR B 11 3.40 -30.25 -2.37
CA TYR B 11 2.78 -30.13 -3.67
C TYR B 11 2.18 -28.72 -3.88
N ALA B 12 1.54 -28.19 -2.84
CA ALA B 12 0.87 -26.88 -2.92
C ALA B 12 1.86 -25.75 -3.20
N VAL B 13 3.00 -25.79 -2.53
CA VAL B 13 4.02 -24.77 -2.70
C VAL B 13 4.58 -24.77 -4.14
N THR B 14 4.63 -25.95 -4.72
CA THR B 14 5.07 -26.14 -6.08
C THR B 14 4.09 -25.57 -7.11
N LEU B 15 2.81 -25.85 -6.91
CA LEU B 15 1.75 -25.26 -7.74
C LEU B 15 1.71 -23.74 -7.65
N ALA B 16 1.89 -23.21 -6.44
CA ALA B 16 1.79 -21.76 -6.21
C ALA B 16 2.89 -21.02 -6.97
N ARG B 17 4.08 -21.61 -6.98
CA ARG B 17 5.24 -21.07 -7.70
C ARG B 17 5.00 -21.01 -9.21
N GLN B 18 4.45 -22.10 -9.75
CA GLN B 18 4.06 -22.22 -11.17
C GLN B 18 2.97 -21.23 -11.63
N ALA B 19 1.89 -21.13 -10.84
CA ALA B 19 0.80 -20.23 -11.14
C ALA B 19 1.26 -18.79 -10.98
N GLY B 20 2.14 -18.55 -10.00
CA GLY B 20 2.76 -17.24 -9.82
C GLY B 20 3.56 -16.82 -11.04
N GLU B 21 4.28 -17.77 -11.62
CA GLU B 21 5.00 -17.55 -12.86
C GLU B 21 4.11 -17.06 -14.00
N VAL B 22 2.99 -17.75 -14.20
CA VAL B 22 1.98 -17.36 -15.18
C VAL B 22 1.42 -15.96 -14.87
N VAL B 23 1.03 -15.70 -13.63
CA VAL B 23 0.45 -14.41 -13.28
C VAL B 23 1.44 -13.26 -13.58
N CYS B 24 2.71 -13.46 -13.25
CA CYS B 24 3.68 -12.39 -13.42
C CYS B 24 4.23 -12.23 -14.85
N GLU B 25 4.05 -13.23 -15.73
CA GLU B 25 4.29 -12.97 -17.14
C GLU B 25 3.13 -12.19 -17.73
N ALA B 26 1.90 -12.62 -17.45
CA ALA B 26 0.72 -11.94 -17.95
C ALA B 26 0.61 -10.47 -17.51
N ILE B 27 1.18 -10.13 -16.36
CA ILE B 27 0.99 -8.79 -15.81
C ILE B 27 1.66 -7.70 -16.63
N LYS B 28 2.57 -8.11 -17.50
CA LYS B 28 3.29 -7.15 -18.34
C LYS B 28 2.78 -7.16 -19.77
N ASN B 29 1.85 -8.07 -20.05
CA ASN B 29 1.28 -8.15 -21.39
C ASN B 29 -0.08 -7.47 -21.48
N GLU B 30 -0.60 -7.38 -22.69
CA GLU B 30 -1.93 -6.80 -22.89
C GLU B 30 -3.02 -7.79 -22.42
N MET B 31 -4.10 -7.24 -21.85
CA MET B 31 -5.11 -8.03 -21.16
C MET B 31 -6.52 -7.87 -21.72
N ASN B 32 -7.31 -8.92 -21.58
CA ASN B 32 -8.76 -8.85 -21.78
C ASN B 32 -9.42 -8.69 -20.41
N VAL B 33 -9.92 -7.48 -20.13
CA VAL B 33 -10.57 -7.19 -18.85
C VAL B 33 -12.09 -7.26 -19.02
N MET B 34 -12.68 -8.24 -18.36
CA MET B 34 -14.13 -8.42 -18.41
C MET B 34 -14.74 -8.08 -17.04
N LEU B 35 -16.07 -8.04 -17.00
CA LEU B 35 -16.81 -7.59 -15.83
C LEU B 35 -17.53 -8.79 -15.22
N LYS B 36 -17.51 -8.87 -13.89
CA LYS B 36 -18.26 -9.88 -13.19
C LYS B 36 -19.58 -9.30 -12.71
N SER B 37 -19.72 -9.03 -11.42
CA SER B 37 -21.02 -8.58 -10.94
C SER B 37 -21.27 -7.07 -11.12
N SER B 38 -20.24 -6.33 -11.50
CA SER B 38 -20.39 -4.90 -11.72
C SER B 38 -19.16 -4.35 -12.39
N PRO B 39 -19.19 -3.05 -12.79
CA PRO B 39 -18.12 -2.41 -13.56
C PRO B 39 -16.80 -2.31 -12.81
N VAL B 40 -16.85 -2.52 -11.51
CA VAL B 40 -15.65 -2.50 -10.70
C VAL B 40 -15.31 -3.87 -10.13
N ASP B 41 -16.13 -4.87 -10.45
CA ASP B 41 -15.80 -6.25 -10.15
C ASP B 41 -15.30 -6.93 -11.43
N LEU B 42 -13.98 -7.08 -11.54
CA LEU B 42 -13.33 -7.45 -12.79
C LEU B 42 -12.80 -8.89 -12.81
N VAL B 43 -12.50 -9.38 -14.01
CA VAL B 43 -11.87 -10.70 -14.18
C VAL B 43 -11.20 -10.66 -15.54
N THR B 44 -10.02 -11.26 -15.61
CA THR B 44 -9.29 -11.33 -16.86
C THR B 44 -9.25 -12.79 -17.25
N ALA B 45 -8.74 -13.08 -18.44
CA ALA B 45 -8.52 -14.45 -18.85
C ALA B 45 -7.49 -15.16 -17.96
N THR B 46 -6.53 -14.43 -17.40
CA THR B 46 -5.53 -15.08 -16.54
C THR B 46 -6.13 -15.60 -15.23
N ASP B 47 -7.17 -14.94 -14.71
CA ASP B 47 -7.81 -15.40 -13.49
C ASP B 47 -8.39 -16.77 -13.77
N GLN B 48 -9.04 -16.90 -14.93
CA GLN B 48 -9.76 -18.11 -15.29
C GLN B 48 -8.82 -19.28 -15.60
N LYS B 49 -7.78 -19.04 -16.39
CA LYS B 49 -6.90 -20.13 -16.78
C LYS B 49 -6.01 -20.62 -15.66
N VAL B 50 -5.57 -19.73 -14.78
CA VAL B 50 -4.78 -20.15 -13.62
C VAL B 50 -5.59 -21.02 -12.64
N GLU B 51 -6.84 -20.65 -12.42
CA GLU B 51 -7.69 -21.45 -11.54
C GLU B 51 -7.96 -22.84 -12.15
N LYS B 52 -8.22 -22.87 -13.46
CA LYS B 52 -8.33 -24.12 -14.21
C LYS B 52 -7.11 -25.02 -14.06
N MET B 53 -5.92 -24.44 -14.20
CA MET B 53 -4.67 -25.16 -14.05
C MET B 53 -4.59 -25.79 -12.66
N LEU B 54 -4.82 -24.98 -11.63
CA LEU B 54 -4.63 -25.42 -10.27
C LEU B 54 -5.60 -26.55 -9.93
N ILE B 55 -6.87 -26.39 -10.29
CA ILE B 55 -7.89 -27.36 -9.89
C ILE B 55 -7.69 -28.69 -10.58
N SER B 56 -7.34 -28.66 -11.86
CA SER B 56 -7.15 -29.90 -12.60
C SER B 56 -5.84 -30.58 -12.22
N SER B 57 -4.83 -29.82 -11.79
CA SER B 57 -3.59 -30.41 -11.30
C SER B 57 -3.80 -31.14 -9.98
N ILE B 58 -4.53 -30.53 -9.06
CA ILE B 58 -4.76 -31.12 -7.74
C ILE B 58 -5.69 -32.32 -7.86
N LYS B 59 -6.73 -32.20 -8.66
CA LYS B 59 -7.69 -33.28 -8.89
C LYS B 59 -6.96 -34.54 -9.33
N GLU B 60 -5.94 -34.36 -10.15
CA GLU B 60 -5.15 -35.46 -10.67
C GLU B 60 -4.54 -36.27 -9.54
N LYS B 61 -3.82 -35.61 -8.64
CA LYS B 61 -3.19 -36.34 -7.54
C LYS B 61 -4.19 -36.73 -6.46
N TYR B 62 -5.25 -35.94 -6.30
CA TYR B 62 -6.10 -36.08 -5.14
C TYR B 62 -7.56 -36.01 -5.52
N PRO B 63 -8.06 -37.04 -6.23
CA PRO B 63 -9.35 -37.01 -6.93
C PRO B 63 -10.56 -36.95 -6.02
N SER B 64 -10.35 -37.29 -4.75
CA SER B 64 -11.44 -37.35 -3.76
C SER B 64 -11.65 -36.03 -3.03
N HIS B 65 -10.70 -35.10 -3.18
CA HIS B 65 -10.75 -33.83 -2.47
C HIS B 65 -11.77 -32.87 -3.08
N SER B 66 -12.26 -31.97 -2.25
CA SER B 66 -13.17 -30.92 -2.67
C SER B 66 -12.44 -29.59 -2.94
N PHE B 67 -13.07 -28.74 -3.74
CA PHE B 67 -12.51 -27.44 -4.13
C PHE B 67 -13.54 -26.34 -3.92
N ILE B 68 -13.12 -25.21 -3.38
CA ILE B 68 -13.85 -23.96 -3.51
C ILE B 68 -12.91 -22.93 -4.18
N GLY B 69 -13.30 -22.46 -5.35
CA GLY B 69 -12.49 -21.51 -6.05
C GLY B 69 -13.37 -20.36 -6.50
N GLU B 70 -12.79 -19.18 -6.67
CA GLU B 70 -13.57 -17.98 -6.99
C GLU B 70 -14.28 -18.09 -8.32
N GLU B 71 -13.51 -18.42 -9.35
CA GLU B 71 -14.04 -18.41 -10.71
C GLU B 71 -14.93 -19.60 -10.93
N SER B 72 -14.73 -20.66 -10.14
CA SER B 72 -15.62 -21.81 -10.20
C SER B 72 -16.96 -21.49 -9.59
N VAL B 73 -16.95 -20.82 -8.44
CA VAL B 73 -18.18 -20.42 -7.79
C VAL B 73 -18.87 -19.41 -8.70
N ALA B 74 -18.07 -18.64 -9.44
CA ALA B 74 -18.61 -17.74 -10.45
C ALA B 74 -19.28 -18.49 -11.60
N ALA B 75 -18.75 -19.65 -11.95
CA ALA B 75 -19.25 -20.46 -13.06
C ALA B 75 -20.50 -21.26 -12.67
N GLY B 76 -20.89 -21.18 -11.40
CA GLY B 76 -22.10 -21.86 -10.97
C GLY B 76 -21.90 -22.84 -9.83
N GLU B 77 -20.66 -23.21 -9.53
CA GLU B 77 -20.38 -24.05 -8.37
C GLU B 77 -20.72 -23.30 -7.09
N LYS B 78 -21.01 -24.05 -6.02
CA LYS B 78 -21.48 -23.47 -4.76
C LYS B 78 -20.37 -23.50 -3.72
N SER B 79 -20.40 -22.56 -2.78
CA SER B 79 -19.37 -22.47 -1.75
C SER B 79 -19.90 -23.06 -0.46
N ILE B 80 -19.87 -24.40 -0.39
CA ILE B 80 -20.34 -25.09 0.80
C ILE B 80 -19.17 -25.87 1.40
N LEU B 81 -18.74 -25.46 2.58
CA LEU B 81 -17.59 -26.12 3.23
C LEU B 81 -18.02 -27.29 4.11
N THR B 82 -17.57 -28.49 3.74
CA THR B 82 -17.88 -29.70 4.49
C THR B 82 -16.63 -30.23 5.18
N ASP B 83 -16.71 -31.43 5.77
CA ASP B 83 -15.61 -31.97 6.55
C ASP B 83 -14.50 -32.52 5.67
N ASN B 84 -14.80 -32.79 4.40
CA ASN B 84 -13.83 -33.35 3.47
C ASN B 84 -12.69 -32.37 3.19
N PRO B 85 -11.46 -32.88 2.93
CA PRO B 85 -10.34 -32.04 2.51
C PRO B 85 -10.77 -31.16 1.35
N THR B 86 -10.68 -29.86 1.58
CA THR B 86 -11.14 -28.89 0.61
C THR B 86 -10.02 -27.86 0.36
N TRP B 87 -9.71 -27.67 -0.91
CA TRP B 87 -8.76 -26.64 -1.30
C TRP B 87 -9.53 -25.39 -1.63
N ILE B 88 -9.12 -24.28 -1.02
CA ILE B 88 -9.80 -23.01 -1.19
C ILE B 88 -8.85 -22.06 -1.89
N ILE B 89 -9.18 -21.75 -3.14
CA ILE B 89 -8.24 -21.18 -4.10
C ILE B 89 -8.70 -19.80 -4.57
N ASP B 90 -7.84 -18.81 -4.42
CA ASP B 90 -8.01 -17.60 -5.19
C ASP B 90 -6.85 -17.56 -6.17
N PRO B 91 -7.15 -17.63 -7.48
CA PRO B 91 -6.12 -17.63 -8.51
C PRO B 91 -5.33 -16.31 -8.58
N ILE B 92 -6.05 -15.19 -8.49
CA ILE B 92 -5.44 -13.86 -8.34
C ILE B 92 -6.21 -13.09 -7.28
N ASP B 93 -5.61 -12.97 -6.10
CA ASP B 93 -6.12 -12.02 -5.12
C ASP B 93 -5.50 -10.65 -5.39
N GLY B 94 -6.34 -9.69 -5.76
CA GLY B 94 -5.89 -8.38 -6.17
C GLY B 94 -6.02 -8.21 -7.68
N THR B 95 -7.15 -8.63 -8.24
CA THR B 95 -7.36 -8.57 -9.69
C THR B 95 -7.31 -7.13 -10.22
N THR B 96 -7.79 -6.17 -9.44
CA THR B 96 -7.76 -4.76 -9.86
C THR B 96 -6.34 -4.20 -9.87
N ASN B 97 -5.53 -4.64 -8.91
CA ASN B 97 -4.09 -4.32 -8.92
C ASN B 97 -3.43 -4.90 -10.18
N PHE B 98 -3.74 -6.16 -10.49
CA PHE B 98 -3.20 -6.88 -11.64
C PHE B 98 -3.48 -6.13 -12.96
N VAL B 99 -4.74 -5.76 -13.15
CA VAL B 99 -5.17 -5.03 -14.33
C VAL B 99 -4.44 -3.67 -14.46
N HIS B 100 -4.10 -3.05 -13.34
CA HIS B 100 -3.41 -1.75 -13.38
C HIS B 100 -1.91 -1.85 -13.34
N ARG B 101 -1.39 -3.07 -13.20
CA ARG B 101 0.02 -3.31 -12.91
C ARG B 101 0.48 -2.64 -11.61
N PHE B 102 -0.41 -2.57 -10.63
CA PHE B 102 -0.08 -2.13 -9.29
C PHE B 102 0.52 -3.35 -8.59
N PRO B 103 1.73 -3.21 -8.02
CA PRO B 103 2.61 -4.38 -7.85
C PRO B 103 2.37 -5.24 -6.59
N PHE B 104 1.10 -5.55 -6.29
CA PHE B 104 0.75 -6.51 -5.24
C PHE B 104 -0.34 -7.44 -5.74
N VAL B 105 0.03 -8.64 -6.15
CA VAL B 105 -0.93 -9.66 -6.54
C VAL B 105 -0.49 -11.00 -5.92
N ALA B 106 -1.43 -11.71 -5.32
CA ALA B 106 -1.14 -12.97 -4.61
C ALA B 106 -1.88 -14.13 -5.24
N VAL B 107 -1.25 -15.31 -5.25
CA VAL B 107 -1.94 -16.57 -5.46
C VAL B 107 -2.17 -17.19 -4.08
N SER B 108 -3.41 -17.61 -3.81
CA SER B 108 -3.74 -18.10 -2.47
C SER B 108 -4.37 -19.48 -2.51
N ILE B 109 -3.81 -20.39 -1.72
CA ILE B 109 -4.38 -21.73 -1.54
C ILE B 109 -4.48 -22.02 -0.05
N GLY B 110 -5.69 -22.23 0.43
CA GLY B 110 -5.88 -22.78 1.76
C GLY B 110 -6.35 -24.24 1.69
N PHE B 111 -6.06 -25.01 2.72
CA PHE B 111 -6.44 -26.41 2.73
C PHE B 111 -7.10 -26.72 4.06
N ALA B 112 -8.38 -27.07 4.01
CA ALA B 112 -9.16 -27.32 5.22
C ALA B 112 -9.55 -28.79 5.33
N VAL B 113 -9.35 -29.35 6.53
CA VAL B 113 -9.92 -30.65 6.87
C VAL B 113 -10.77 -30.48 8.11
N ASN B 114 -11.95 -31.09 8.11
CA ASN B 114 -12.96 -30.88 9.15
C ASN B 114 -13.31 -29.42 9.37
N LYS B 115 -13.34 -28.67 8.27
CA LYS B 115 -13.68 -27.25 8.25
C LYS B 115 -12.70 -26.37 9.03
N LYS B 116 -11.50 -26.90 9.28
CA LYS B 116 -10.43 -26.15 9.90
C LYS B 116 -9.23 -26.11 8.95
N ILE B 117 -8.65 -24.93 8.76
CA ILE B 117 -7.47 -24.78 7.90
C ILE B 117 -6.27 -25.49 8.52
N GLU B 118 -5.57 -26.25 7.69
CA GLU B 118 -4.44 -27.08 8.10
C GLU B 118 -3.13 -26.42 7.65
N PHE B 119 -3.13 -25.88 6.43
CA PHE B 119 -2.00 -25.10 5.94
C PHE B 119 -2.46 -24.06 4.92
N GLY B 120 -1.61 -23.07 4.69
CA GLY B 120 -1.91 -22.04 3.70
C GLY B 120 -0.65 -21.63 2.96
N VAL B 121 -0.82 -21.32 1.68
CA VAL B 121 0.28 -20.85 0.85
C VAL B 121 -0.15 -19.57 0.10
N VAL B 122 0.68 -18.53 0.22
CA VAL B 122 0.41 -17.24 -0.43
C VAL B 122 1.67 -16.82 -1.19
N TYR B 123 1.56 -16.76 -2.50
CA TYR B 123 2.68 -16.39 -3.33
C TYR B 123 2.47 -15.00 -3.91
N SER B 124 3.25 -14.03 -3.45
CA SER B 124 3.22 -12.67 -3.97
C SER B 124 4.26 -12.55 -5.07
N CYS B 125 3.86 -12.79 -6.32
CA CYS B 125 4.81 -13.08 -7.37
C CYS B 125 5.67 -11.89 -7.81
N VAL B 126 5.12 -10.69 -7.77
CA VAL B 126 5.90 -9.52 -8.18
C VAL B 126 7.06 -9.30 -7.22
N GLU B 127 6.83 -9.49 -5.93
CA GLU B 127 7.89 -9.32 -4.92
C GLU B 127 8.83 -10.53 -4.85
N GLY B 128 8.40 -11.67 -5.35
CA GLY B 128 9.15 -12.89 -5.13
C GLY B 128 9.14 -13.31 -3.67
N LYS B 129 7.98 -13.25 -3.03
CA LYS B 129 7.84 -13.65 -1.64
C LYS B 129 6.85 -14.79 -1.50
N MET B 130 7.30 -15.87 -0.89
CA MET B 130 6.49 -17.06 -0.68
C MET B 130 6.22 -17.22 0.81
N TYR B 131 4.97 -17.03 1.21
CA TYR B 131 4.52 -17.21 2.58
C TYR B 131 3.85 -18.58 2.72
N THR B 132 4.19 -19.30 3.77
CA THR B 132 3.64 -20.63 4.00
C THR B 132 3.42 -20.82 5.52
N ALA B 133 2.49 -21.68 5.88
CA ALA B 133 2.22 -21.97 7.27
C ALA B 133 1.46 -23.27 7.36
N ARG B 134 1.86 -24.12 8.30
CA ARG B 134 1.24 -25.41 8.56
C ARG B 134 0.90 -25.43 10.03
N LYS B 135 -0.32 -25.84 10.34
CA LYS B 135 -0.79 -25.85 11.73
C LYS B 135 0.23 -26.50 12.65
N GLY B 136 0.71 -25.73 13.62
CA GLY B 136 1.61 -26.26 14.62
C GLY B 136 3.09 -26.10 14.30
N LYS B 137 3.42 -25.65 13.08
CA LYS B 137 4.81 -25.66 12.63
C LYS B 137 5.41 -24.27 12.47
N GLY B 138 4.58 -23.23 12.54
CA GLY B 138 5.07 -21.89 12.33
C GLY B 138 4.77 -21.36 10.95
N ALA B 139 5.06 -20.07 10.75
CA ALA B 139 4.85 -19.36 9.48
C ALA B 139 6.19 -18.84 8.96
N PHE B 140 6.38 -18.92 7.65
CA PHE B 140 7.66 -18.55 7.05
C PHE B 140 7.44 -17.70 5.82
N CYS B 141 8.35 -16.75 5.61
CA CYS B 141 8.47 -16.08 4.32
C CYS B 141 9.85 -16.37 3.75
N ASN B 142 9.86 -17.08 2.61
CA ASN B 142 11.11 -17.47 1.95
C ASN B 142 12.04 -18.17 2.94
N GLY B 143 11.47 -19.11 3.68
CA GLY B 143 12.28 -19.88 4.61
C GLY B 143 12.70 -19.17 5.88
N GLN B 144 12.27 -17.94 6.09
CA GLN B 144 12.46 -17.25 7.38
C GLN B 144 11.18 -17.12 8.22
N LYS B 145 11.33 -17.37 9.52
CA LYS B 145 10.20 -17.48 10.42
C LYS B 145 9.59 -16.12 10.77
N LEU B 146 8.26 -16.04 10.81
CA LEU B 146 7.57 -14.78 11.01
C LEU B 146 7.04 -14.64 12.44
N GLN B 147 6.98 -13.41 12.94
CA GLN B 147 6.30 -13.11 14.19
C GLN B 147 5.54 -11.78 14.11
N VAL B 148 4.33 -11.75 14.66
CA VAL B 148 3.55 -10.52 14.74
C VAL B 148 4.18 -9.50 15.68
N SER B 149 3.76 -8.25 15.58
CA SER B 149 4.30 -7.22 16.47
C SER B 149 3.80 -7.43 17.91
N GLN B 150 4.33 -6.65 18.84
CA GLN B 150 3.96 -6.82 20.23
C GLN B 150 3.10 -5.67 20.77
N GLN B 151 2.67 -4.78 19.87
CA GLN B 151 1.92 -3.59 20.30
C GLN B 151 0.56 -3.98 20.86
N GLU B 152 0.26 -3.44 22.04
CA GLU B 152 -1.01 -3.75 22.70
C GLU B 152 -1.84 -2.48 22.85
N ASP B 153 -1.23 -1.35 22.53
CA ASP B 153 -1.88 -0.05 22.61
C ASP B 153 -2.37 0.37 21.23
N ILE B 154 -3.68 0.49 21.10
CA ILE B 154 -4.32 0.90 19.86
C ILE B 154 -3.86 2.28 19.36
N THR B 155 -3.59 3.20 20.28
CA THR B 155 -3.21 4.56 19.89
C THR B 155 -1.79 4.61 19.30
N LYS B 156 -1.11 3.47 19.28
CA LYS B 156 0.24 3.37 18.72
C LYS B 156 0.31 2.31 17.63
N SER B 157 -0.83 2.03 17.03
CA SER B 157 -0.94 0.94 16.09
C SER B 157 -1.12 1.40 14.65
N LEU B 158 -0.77 0.55 13.70
CA LEU B 158 -0.90 0.84 12.26
C LEU B 158 -1.80 -0.24 11.67
N LEU B 159 -2.89 0.16 11.03
CA LEU B 159 -3.92 -0.79 10.61
C LEU B 159 -3.96 -0.83 9.11
N VAL B 160 -4.35 -1.97 8.55
CA VAL B 160 -4.56 -2.08 7.11
C VAL B 160 -6.02 -2.46 6.89
N THR B 161 -6.64 -1.86 5.88
CA THR B 161 -8.00 -2.21 5.53
C THR B 161 -8.23 -1.85 4.07
N GLU B 162 -9.42 -2.14 3.55
CA GLU B 162 -9.74 -1.82 2.17
C GLU B 162 -11.11 -1.19 2.09
N LEU B 163 -11.36 -0.37 1.07
CA LEU B 163 -12.69 0.17 0.86
C LEU B 163 -13.70 -0.81 0.25
N GLY B 164 -13.23 -1.81 -0.48
CA GLY B 164 -14.13 -2.88 -0.94
C GLY B 164 -14.64 -2.74 -2.37
N SER B 165 -15.52 -3.65 -2.78
CA SER B 165 -15.96 -3.68 -4.16
C SER B 165 -17.40 -3.22 -4.33
N SER B 166 -18.01 -2.80 -3.23
CA SER B 166 -19.34 -2.22 -3.30
C SER B 166 -19.28 -0.70 -3.49
N ARG B 167 -20.09 -0.19 -4.40
CA ARG B 167 -20.32 1.26 -4.53
C ARG B 167 -21.75 1.65 -4.12
N THR B 168 -22.42 0.77 -3.39
CA THR B 168 -23.72 1.07 -2.81
C THR B 168 -23.52 2.08 -1.69
N PRO B 169 -24.25 3.20 -1.73
CA PRO B 169 -23.91 4.40 -0.97
C PRO B 169 -23.94 4.18 0.54
N GLU B 170 -24.94 3.42 0.99
CA GLU B 170 -25.14 3.21 2.41
C GLU B 170 -24.01 2.34 2.95
N THR B 171 -23.61 1.37 2.14
CA THR B 171 -22.48 0.49 2.43
C THR B 171 -21.19 1.30 2.50
N VAL B 172 -20.92 2.05 1.43
CA VAL B 172 -19.75 2.91 1.31
C VAL B 172 -19.69 3.88 2.48
N ARG B 173 -20.87 4.29 2.94
CA ARG B 173 -21.03 5.22 4.06
C ARG B 173 -20.60 4.61 5.39
N MET B 174 -20.99 3.35 5.63
CA MET B 174 -20.55 2.62 6.82
C MET B 174 -19.06 2.25 6.79
N VAL B 175 -18.53 1.87 5.63
CA VAL B 175 -17.10 1.64 5.51
C VAL B 175 -16.28 2.87 5.91
N LEU B 176 -16.65 4.04 5.41
CA LEU B 176 -15.88 5.25 5.66
C LEU B 176 -16.03 5.73 7.09
N SER B 177 -17.20 5.51 7.69
CA SER B 177 -17.40 5.94 9.07
C SER B 177 -16.78 5.00 10.08
N ASN B 178 -16.65 3.72 9.71
CA ASN B 178 -15.89 2.77 10.51
C ASN B 178 -14.43 3.22 10.50
N MET B 179 -13.93 3.64 9.34
CA MET B 179 -12.56 4.17 9.20
C MET B 179 -12.33 5.42 10.05
N GLU B 180 -13.27 6.35 9.98
CA GLU B 180 -13.16 7.59 10.74
C GLU B 180 -13.07 7.33 12.25
N LYS B 181 -13.90 6.42 12.74
CA LYS B 181 -13.91 6.04 14.14
C LYS B 181 -12.54 5.55 14.61
N LEU B 182 -11.91 4.67 13.83
CA LEU B 182 -10.59 4.15 14.19
C LEU B 182 -9.51 5.21 14.03
N PHE B 183 -9.58 5.95 12.92
CA PHE B 183 -8.61 6.98 12.63
C PHE B 183 -8.50 8.01 13.76
N CYS B 184 -9.65 8.35 14.33
CA CYS B 184 -9.74 9.41 15.31
C CYS B 184 -9.57 8.97 16.77
N ILE B 185 -9.26 7.69 17.00
CA ILE B 185 -8.96 7.20 18.34
C ILE B 185 -7.88 7.99 19.09
N PRO B 186 -6.72 8.31 18.45
CA PRO B 186 -6.27 8.05 17.10
C PRO B 186 -5.39 6.81 17.01
N VAL B 187 -5.30 6.23 15.81
CA VAL B 187 -4.28 5.24 15.50
C VAL B 187 -3.21 5.95 14.68
N HIS B 188 -2.03 5.35 14.58
CA HIS B 188 -0.89 5.94 13.88
C HIS B 188 -1.17 6.14 12.40
N GLY B 189 -1.93 5.22 11.82
CA GLY B 189 -2.30 5.38 10.43
C GLY B 189 -3.08 4.17 9.93
N ILE B 190 -3.53 4.27 8.68
CA ILE B 190 -4.21 3.21 7.99
C ILE B 190 -3.67 3.13 6.57
N ARG B 191 -3.39 1.89 6.13
CA ARG B 191 -2.82 1.58 4.81
C ARG B 191 -3.76 0.63 4.03
N SER B 192 -3.66 0.66 2.70
CA SER B 192 -4.39 -0.25 1.81
C SER B 192 -3.47 -0.59 0.65
N VAL B 193 -3.13 -1.86 0.50
CA VAL B 193 -2.25 -2.24 -0.61
C VAL B 193 -3.03 -2.90 -1.76
N GLY B 194 -4.26 -3.30 -1.49
CA GLY B 194 -5.18 -3.73 -2.54
C GLY B 194 -5.59 -5.19 -2.60
N THR B 195 -5.16 -6.00 -1.63
CA THR B 195 -5.47 -7.42 -1.59
C THR B 195 -5.49 -7.88 -0.14
N ALA B 196 -6.51 -8.66 0.23
CA ALA B 196 -6.68 -9.15 1.59
C ALA B 196 -5.52 -10.04 2.04
N ALA B 197 -5.08 -10.92 1.13
CA ALA B 197 -4.03 -11.89 1.41
C ALA B 197 -2.69 -11.24 1.72
N VAL B 198 -2.34 -10.19 0.99
CA VAL B 198 -1.09 -9.46 1.24
C VAL B 198 -1.21 -8.56 2.48
N ASN B 199 -2.35 -7.91 2.66
CA ASN B 199 -2.60 -7.12 3.88
C ASN B 199 -2.39 -8.00 5.12
N MET B 200 -2.91 -9.22 5.07
CA MET B 200 -2.80 -10.16 6.19
C MET B 200 -1.37 -10.69 6.37
N CYS B 201 -0.67 -10.92 5.27
CA CYS B 201 0.72 -11.32 5.34
C CYS B 201 1.61 -10.20 5.89
N LEU B 202 1.18 -8.95 5.74
CA LEU B 202 1.92 -7.84 6.35
C LEU B 202 1.72 -7.77 7.88
N VAL B 203 0.55 -8.21 8.35
CA VAL B 203 0.31 -8.37 9.79
C VAL B 203 1.21 -9.48 10.41
N ALA B 204 1.27 -10.63 9.73
CA ALA B 204 2.12 -11.76 10.09
C ALA B 204 3.62 -11.43 10.20
N THR B 205 4.10 -10.53 9.34
CA THR B 205 5.50 -10.12 9.41
C THR B 205 5.73 -9.11 10.53
N GLY B 206 4.66 -8.49 11.02
CA GLY B 206 4.79 -7.47 12.04
C GLY B 206 4.93 -6.08 11.46
N GLY B 207 4.73 -5.94 10.14
CA GLY B 207 4.76 -4.64 9.49
C GLY B 207 3.52 -3.81 9.80
N ALA B 208 2.38 -4.48 9.98
CA ALA B 208 1.15 -3.82 10.42
C ALA B 208 0.65 -4.59 11.65
N ASP B 209 -0.16 -3.95 12.47
CA ASP B 209 -0.60 -4.57 13.71
C ASP B 209 -1.94 -5.29 13.60
N ALA B 210 -2.81 -4.85 12.70
CA ALA B 210 -4.08 -5.52 12.52
C ALA B 210 -4.67 -5.18 11.17
N TYR B 211 -5.50 -6.09 10.68
CA TYR B 211 -6.24 -5.94 9.42
C TYR B 211 -7.70 -6.23 9.76
N TYR B 212 -8.62 -5.44 9.20
CA TYR B 212 -10.03 -5.81 9.30
C TYR B 212 -10.71 -5.55 7.97
N GLU B 213 -11.76 -6.30 7.67
CA GLU B 213 -12.60 -5.96 6.55
C GLU B 213 -13.94 -6.69 6.62
N MET B 214 -14.98 -6.11 6.02
CA MET B 214 -16.24 -6.82 5.82
C MET B 214 -16.57 -6.77 4.35
N GLY B 215 -16.84 -7.92 3.73
CA GLY B 215 -17.10 -7.92 2.30
C GLY B 215 -16.23 -8.89 1.51
N ILE B 216 -15.12 -9.34 2.11
CA ILE B 216 -14.26 -10.35 1.52
C ILE B 216 -14.94 -11.72 1.38
N HIS B 217 -14.31 -12.65 0.66
CA HIS B 217 -14.82 -14.00 0.55
C HIS B 217 -13.85 -15.00 1.15
N CYS B 218 -14.31 -16.23 1.34
CA CYS B 218 -13.54 -17.24 2.02
C CYS B 218 -12.24 -17.52 1.25
N TRP B 219 -12.31 -17.43 -0.08
CA TRP B 219 -11.12 -17.66 -0.88
C TRP B 219 -10.06 -16.57 -0.75
N ASP B 220 -10.47 -15.34 -0.46
CA ASP B 220 -9.49 -14.27 -0.25
C ASP B 220 -8.66 -14.45 1.01
N VAL B 221 -9.21 -15.13 2.02
CA VAL B 221 -8.58 -15.15 3.34
C VAL B 221 -8.14 -16.52 3.87
N ALA B 222 -8.60 -17.61 3.24
CA ALA B 222 -8.27 -18.97 3.68
C ALA B 222 -6.77 -19.26 3.79
N GLY B 223 -5.99 -18.87 2.79
CA GLY B 223 -4.56 -19.13 2.85
C GLY B 223 -3.80 -18.30 3.88
N ALA B 224 -4.11 -17.01 3.95
CA ALA B 224 -3.37 -16.05 4.78
C ALA B 224 -3.74 -16.12 6.26
N GLY B 225 -4.91 -16.68 6.57
CA GLY B 225 -5.37 -16.74 7.94
C GLY B 225 -4.49 -17.58 8.85
N ILE B 226 -4.09 -18.75 8.35
CA ILE B 226 -3.19 -19.64 9.11
C ILE B 226 -1.74 -19.12 9.19
N ILE B 227 -1.38 -18.22 8.28
CA ILE B 227 -0.08 -17.55 8.32
C ILE B 227 -0.04 -16.53 9.49
N VAL B 228 -1.16 -15.87 9.74
CA VAL B 228 -1.22 -14.91 10.84
C VAL B 228 -1.21 -15.68 12.17
N THR B 229 -2.07 -16.69 12.29
CA THR B 229 -2.20 -17.38 13.57
C THR B 229 -0.93 -18.15 13.92
N GLU B 230 -0.29 -18.74 12.92
CA GLU B 230 0.97 -19.44 13.14
C GLU B 230 2.12 -18.47 13.46
N ALA B 231 1.99 -17.22 13.05
CA ALA B 231 2.99 -16.21 13.37
C ALA B 231 2.74 -15.62 14.75
N GLY B 232 1.67 -16.06 15.41
CA GLY B 232 1.37 -15.59 16.74
C GLY B 232 0.17 -14.67 16.88
N GLY B 233 -0.52 -14.41 15.77
CA GLY B 233 -1.65 -13.49 15.81
C GLY B 233 -2.96 -14.18 16.07
N VAL B 234 -4.06 -13.48 15.80
CA VAL B 234 -5.36 -14.02 16.11
C VAL B 234 -6.35 -13.66 15.01
N LEU B 235 -7.26 -14.58 14.71
CA LEU B 235 -8.42 -14.30 13.86
C LEU B 235 -9.66 -14.23 14.72
N MET B 236 -10.60 -13.40 14.33
CA MET B 236 -11.75 -13.05 15.16
C MET B 236 -12.86 -12.54 14.25
N ASP B 237 -14.11 -12.68 14.68
CA ASP B 237 -15.24 -12.09 13.96
C ASP B 237 -15.39 -10.65 14.47
N VAL B 238 -16.05 -9.79 13.69
CA VAL B 238 -16.23 -8.40 14.09
C VAL B 238 -17.18 -8.21 15.27
N THR B 239 -17.94 -9.24 15.62
CA THR B 239 -18.68 -9.22 16.87
C THR B 239 -17.74 -9.38 18.07
N GLY B 240 -16.49 -9.77 17.82
CA GLY B 240 -15.61 -10.11 18.92
C GLY B 240 -15.56 -11.60 19.18
N GLY B 241 -16.46 -12.33 18.52
CA GLY B 241 -16.50 -13.76 18.73
C GLY B 241 -15.53 -14.50 17.84
N PRO B 242 -15.76 -15.81 17.63
CA PRO B 242 -14.90 -16.71 16.87
C PRO B 242 -14.95 -16.41 15.38
N PHE B 243 -13.81 -16.51 14.72
CA PHE B 243 -13.72 -16.26 13.30
C PHE B 243 -14.62 -17.26 12.58
N ASP B 244 -15.41 -16.78 11.65
CA ASP B 244 -16.29 -17.65 10.86
C ASP B 244 -15.92 -17.49 9.37
N LEU B 245 -15.36 -18.53 8.79
CA LEU B 245 -14.72 -18.42 7.50
C LEU B 245 -15.69 -18.09 6.38
N MET B 246 -16.95 -18.48 6.55
CA MET B 246 -17.94 -18.27 5.50
C MET B 246 -18.76 -17.00 5.73
N SER B 247 -18.39 -16.21 6.73
CA SER B 247 -19.21 -15.08 7.17
C SER B 247 -19.01 -13.75 6.44
N ARG B 248 -17.91 -13.65 5.67
CA ARG B 248 -17.58 -12.43 4.91
C ARG B 248 -17.04 -11.29 5.78
N ARG B 249 -16.63 -11.62 7.01
CA ARG B 249 -16.02 -10.63 7.90
C ARG B 249 -14.78 -11.22 8.51
N VAL B 250 -13.79 -10.36 8.78
CA VAL B 250 -12.58 -10.81 9.44
C VAL B 250 -11.86 -9.65 10.14
N ILE B 251 -11.35 -9.93 11.33
CA ILE B 251 -10.32 -9.14 11.98
C ILE B 251 -9.12 -10.07 12.19
N ALA B 252 -7.93 -9.64 11.76
CA ALA B 252 -6.73 -10.45 11.85
C ALA B 252 -5.67 -9.58 12.53
N ALA B 253 -5.34 -9.88 13.78
CA ALA B 253 -4.57 -8.95 14.58
C ALA B 253 -3.35 -9.62 15.17
N ASN B 254 -2.38 -8.82 15.59
CA ASN B 254 -1.24 -9.33 16.35
C ASN B 254 -1.70 -9.98 17.67
N ASN B 255 -2.71 -9.42 18.32
CA ASN B 255 -3.22 -9.99 19.58
C ASN B 255 -4.67 -9.62 19.89
N ARG B 256 -5.22 -10.24 20.92
CA ARG B 256 -6.64 -10.13 21.25
C ARG B 256 -6.98 -8.75 21.79
N ILE B 257 -5.99 -8.10 22.39
CA ILE B 257 -6.20 -6.74 22.91
C ILE B 257 -6.61 -5.79 21.78
N LEU B 258 -5.81 -5.78 20.72
CA LEU B 258 -6.09 -4.90 19.58
C LEU B 258 -7.33 -5.41 18.84
N ALA B 259 -7.44 -6.72 18.68
CA ALA B 259 -8.60 -7.30 18.00
C ALA B 259 -9.90 -6.88 18.65
N GLU B 260 -9.98 -6.99 19.98
CA GLU B 260 -11.20 -6.62 20.67
C GLU B 260 -11.53 -5.15 20.62
N ARG B 261 -10.51 -4.31 20.68
CA ARG B 261 -10.72 -2.87 20.60
C ARG B 261 -11.31 -2.42 19.27
N ILE B 262 -10.84 -3.01 18.18
CA ILE B 262 -11.41 -2.74 16.87
C ILE B 262 -12.87 -3.20 16.80
N ALA B 263 -13.14 -4.45 17.22
CA ALA B 263 -14.50 -5.00 17.18
C ALA B 263 -15.48 -4.06 17.89
N LYS B 264 -15.05 -3.53 19.03
CA LYS B 264 -15.85 -2.65 19.86
C LYS B 264 -16.16 -1.35 19.13
N GLU B 265 -15.22 -0.88 18.32
CA GLU B 265 -15.38 0.41 17.66
C GLU B 265 -16.25 0.36 16.41
N ILE B 266 -16.17 -0.70 15.62
CA ILE B 266 -16.78 -0.71 14.30
C ILE B 266 -18.19 -1.29 14.29
N GLN B 267 -19.01 -0.79 13.37
CA GLN B 267 -20.37 -1.26 13.19
C GLN B 267 -20.46 -2.32 12.09
N VAL B 268 -21.32 -3.31 12.30
CA VAL B 268 -21.49 -4.40 11.35
C VAL B 268 -22.27 -4.00 10.10
N ILE B 269 -21.72 -4.35 8.95
CA ILE B 269 -22.35 -4.15 7.65
C ILE B 269 -23.02 -5.47 7.24
N PRO B 270 -24.31 -5.41 6.88
CA PRO B 270 -25.08 -6.60 6.49
C PRO B 270 -24.67 -7.14 5.12
N LEU B 271 -24.41 -8.46 5.05
CA LEU B 271 -23.82 -9.11 3.88
C LEU B 271 -24.42 -10.50 3.75
N GLN B 272 -24.57 -10.98 2.52
CA GLN B 272 -24.95 -12.37 2.26
C GLN B 272 -23.73 -13.29 2.44
N ARG B 273 -23.89 -14.37 3.20
CA ARG B 273 -22.76 -15.25 3.51
C ARG B 273 -22.34 -16.06 2.28
N ASP B 274 -21.14 -16.62 2.34
CA ASP B 274 -20.64 -17.43 1.22
C ASP B 274 -21.46 -18.71 1.11
N ASP B 275 -21.97 -19.17 2.24
CA ASP B 275 -22.75 -20.42 2.28
C ASP B 275 -24.26 -20.23 2.14
N GLU B 276 -24.70 -19.04 1.74
CA GLU B 276 -26.10 -18.77 1.46
C GLU B 276 -26.26 -18.44 -0.03
N ASP B 277 -27.36 -18.64 -0.57
#